data_7QPI
#
_entry.id   7QPI
#
_cell.length_a   37.320
_cell.length_b   66.170
_cell.length_c   105.690
_cell.angle_alpha   90.000
_cell.angle_beta   90.000
_cell.angle_gamma   90.000
#
_symmetry.space_group_name_H-M   'P 21 21 21'
#
loop_
_entity.id
_entity.type
_entity.pdbx_description
1 polymer 'Vitamin D receptor'
2 polymer 'Nuclear receptor coactivator 1'
3 non-polymer 5-{2-[1-(5-HYDROXY-1,5-DIMETHYL-HEXYL)-7A-METHYL-OCTAHYDRO-INDEN-4-YLIDENE]-ETHYLIDENE}-4-METHYLENE-CYCLOHEXANE-1,3-DIOL
4 non-polymer 'MAGNESIUM ION'
5 water water
#
loop_
_entity_poly.entity_id
_entity_poly.type
_entity_poly.pdbx_seq_one_letter_code
_entity_poly.pdbx_strand_id
1 'polypeptide(L)'
;GSHMTPQLLEEQERLIATLIEAHRKTYDASYSDFSQFRPPKRGDGSPECRNATNPFLMSLLNSDMDELPKASASGAEAAA
GDELSMLPHLADLVSYSIQKVIGFAKMIPGFKELCTEDQISLLKASAIEIIILRSNESFTMEDNSWTCGSNEFKYQIGDV
MQAGHKLELLEPLVKFQVNMKKLDLHEAEHVLLMAICLFSPDRPGVQDRCRVEEVQEHLTETLRAYIACRHPLSCKHMLY
TKMVEKLTELRSLNEEHSKQYLQISQDAVNKEDLPPLLLEVFGNPTA
;
A
2 'polypeptide(L)' RHKILHRLLQEGS U
#
loop_
_chem_comp.id
_chem_comp.type
_chem_comp.name
_chem_comp.formula
MG non-polymer 'MAGNESIUM ION' 'Mg 2'
VDX non-polymer 5-{2-[1-(5-HYDROXY-1,5-DIMETHYL-HEXYL)-7A-METHYL-OCTAHYDRO-INDEN-4-YLIDENE]-ETHYLIDENE}-4-METHYLENE-CYCLOHEXANE-1,3-DIOL 'C27 H44 O3'
#
# COMPACT_ATOMS: atom_id res chain seq x y z
N GLN A 7 13.52 -25.74 5.64
CA GLN A 7 14.05 -25.60 4.29
C GLN A 7 14.17 -24.14 3.91
N LEU A 8 14.18 -23.27 4.91
CA LEU A 8 14.26 -21.84 4.70
C LEU A 8 15.70 -21.40 4.96
N LEU A 9 16.36 -20.88 3.93
CA LEU A 9 17.77 -20.56 4.04
C LEU A 9 18.00 -19.44 5.05
N GLU A 10 19.23 -19.38 5.56
CA GLU A 10 19.54 -18.38 6.57
C GLU A 10 19.35 -16.97 6.01
N GLU A 11 19.59 -16.78 4.71
CA GLU A 11 19.47 -15.45 4.09
C GLU A 11 18.02 -15.07 3.86
N GLN A 12 17.18 -16.04 3.47
CA GLN A 12 15.75 -15.80 3.38
C GLN A 12 15.15 -15.49 4.74
N GLU A 13 15.61 -16.18 5.79
CA GLU A 13 15.16 -15.88 7.14
C GLU A 13 15.58 -14.48 7.59
N ARG A 14 16.79 -14.05 7.20
CA ARG A 14 17.25 -12.71 7.53
C ARG A 14 16.44 -11.66 6.79
N LEU A 15 16.08 -11.96 5.54
CA LEU A 15 15.35 -10.98 4.74
C LEU A 15 13.95 -10.74 5.32
N ILE A 16 13.21 -11.82 5.57
CA ILE A 16 11.92 -11.76 6.26
C ILE A 16 12.03 -10.98 7.56
N ALA A 17 13.11 -11.22 8.31
CA ALA A 17 13.28 -10.53 9.59
C ALA A 17 13.47 -9.03 9.37
N THR A 18 14.29 -8.66 8.39
CA THR A 18 14.50 -7.25 8.06
C THR A 18 13.18 -6.57 7.70
N LEU A 19 12.33 -7.25 6.93
CA LEU A 19 11.12 -6.62 6.43
C LEU A 19 10.06 -6.48 7.52
N ILE A 20 10.05 -7.42 8.44
CA ILE A 20 9.13 -7.36 9.56
C ILE A 20 9.53 -6.23 10.49
N GLU A 21 10.82 -6.09 10.74
CA GLU A 21 11.38 -4.96 11.46
C GLU A 21 11.01 -3.63 10.80
N ALA A 22 11.17 -3.56 9.47
CA ALA A 22 10.80 -2.36 8.74
C ALA A 22 9.31 -2.05 8.86
N HIS A 23 8.47 -3.06 8.72
CA HIS A 23 7.04 -2.81 8.76
C HIS A 23 6.60 -2.32 10.14
N ARG A 24 7.09 -2.96 11.21
CA ARG A 24 6.71 -2.54 12.55
C ARG A 24 7.15 -1.11 12.83
N LYS A 25 8.33 -0.72 12.35
CA LYS A 25 8.79 0.63 12.59
C LYS A 25 7.91 1.65 11.86
N THR A 26 7.42 1.33 10.67
CA THR A 26 6.67 2.30 9.88
C THR A 26 5.17 2.09 9.90
N TYR A 27 4.64 1.26 10.81
CA TYR A 27 3.20 1.11 10.96
C TYR A 27 2.84 1.23 12.44
N ASP A 28 1.88 2.08 12.75
CA ASP A 28 1.62 2.51 14.13
C ASP A 28 0.22 2.08 14.57
N ALA A 29 0.11 0.86 15.11
CA ALA A 29 -1.18 0.32 15.57
C ALA A 29 -1.77 1.09 16.75
N SER A 30 -1.22 2.17 17.27
CA SER A 30 -1.95 2.98 18.23
C SER A 30 -2.69 4.14 17.58
N TYR A 31 -2.40 4.43 16.31
CA TYR A 31 -3.14 5.41 15.51
C TYR A 31 -3.21 6.76 16.22
N SER A 32 -2.08 7.15 16.83
CA SER A 32 -2.06 8.31 17.71
C SER A 32 -1.90 9.63 16.98
N ASP A 33 -1.39 9.63 15.75
CA ASP A 33 -1.30 10.88 15.00
C ASP A 33 -2.60 11.22 14.28
N PHE A 34 -3.63 10.37 14.37
CA PHE A 34 -4.91 10.67 13.74
C PHE A 34 -5.52 11.97 14.27
N SER A 35 -5.29 12.30 15.54
CA SER A 35 -5.84 13.53 16.08
C SER A 35 -5.33 14.77 15.35
N GLN A 36 -4.23 14.63 14.61
CA GLN A 36 -3.59 15.75 13.92
C GLN A 36 -4.19 16.04 12.54
N PHE A 37 -4.67 15.03 11.83
CA PHE A 37 -5.28 15.32 10.54
C PHE A 37 -6.38 16.35 10.72
N ARG A 38 -6.74 17.00 9.62
CA ARG A 38 -7.98 17.78 9.62
C ARG A 38 -9.13 16.88 10.06
N PRO A 39 -10.18 17.41 10.68
CA PRO A 39 -11.19 16.56 11.32
C PRO A 39 -12.13 15.94 10.31
N PRO A 40 -12.52 14.67 10.52
CA PRO A 40 -13.58 14.09 9.70
C PRO A 40 -14.89 14.86 9.83
N LYS A 41 -15.63 14.89 8.72
CA LYS A 41 -16.98 15.42 8.66
C LYS A 41 -17.85 14.48 7.85
N ARG A 42 -19.01 14.10 8.40
CA ARG A 42 -19.94 13.17 7.76
C ARG A 42 -21.28 13.82 7.44
N LEU A 84 -18.03 16.04 -0.89
CA LEU A 84 -16.64 15.78 -0.53
C LEU A 84 -16.35 16.22 0.89
N SER A 85 -17.20 15.85 1.84
CA SER A 85 -17.02 16.33 3.21
C SER A 85 -15.93 15.58 3.96
N MET A 86 -15.64 14.33 3.58
CA MET A 86 -14.60 13.54 4.23
C MET A 86 -13.26 13.64 3.50
N LEU A 87 -13.14 14.52 2.49
CA LEU A 87 -11.93 14.53 1.66
C LEU A 87 -10.74 15.07 2.43
N PRO A 88 -10.89 16.16 3.19
CA PRO A 88 -9.71 16.68 3.89
C PRO A 88 -9.13 15.69 4.88
N HIS A 89 -9.98 14.94 5.59
CA HIS A 89 -9.45 14.02 6.59
C HIS A 89 -8.83 12.80 5.92
N LEU A 90 -9.58 12.17 5.01
CA LEU A 90 -9.08 11.01 4.29
C LEU A 90 -7.85 11.35 3.45
N ALA A 91 -7.79 12.58 2.90
CA ALA A 91 -6.62 13.00 2.14
C ALA A 91 -5.41 13.13 3.06
N ASP A 92 -5.58 13.84 4.18
CA ASP A 92 -4.53 13.90 5.19
C ASP A 92 -4.04 12.51 5.59
N LEU A 93 -4.95 11.55 5.68
CA LEU A 93 -4.58 10.20 6.12
C LEU A 93 -3.68 9.53 5.09
N VAL A 94 -4.05 9.59 3.81
CA VAL A 94 -3.26 8.94 2.76
C VAL A 94 -1.88 9.60 2.63
N SER A 95 -1.83 10.93 2.79
CA SER A 95 -0.55 11.64 2.74
C SER A 95 0.35 11.25 3.92
N TYR A 96 -0.23 11.15 5.11
CA TYR A 96 0.46 10.50 6.21
C TYR A 96 0.95 9.11 5.79
N SER A 97 0.02 8.27 5.33
CA SER A 97 0.33 6.87 5.05
C SER A 97 1.40 6.71 3.98
N ILE A 98 1.34 7.53 2.92
CA ILE A 98 2.36 7.46 1.88
C ILE A 98 3.75 7.64 2.48
N GLN A 99 3.89 8.55 3.46
CA GLN A 99 5.20 8.76 4.07
C GLN A 99 5.69 7.51 4.78
N LYS A 100 4.79 6.80 5.45
CA LYS A 100 5.13 5.51 6.05
C LYS A 100 5.55 4.50 5.00
N VAL A 101 4.82 4.44 3.88
CA VAL A 101 5.21 3.55 2.79
C VAL A 101 6.63 3.88 2.31
N ILE A 102 6.97 5.17 2.23
CA ILE A 102 8.32 5.56 1.84
C ILE A 102 9.34 5.18 2.90
N GLY A 103 8.99 5.34 4.18
CA GLY A 103 9.85 4.81 5.22
C GLY A 103 10.10 3.32 5.05
N PHE A 104 9.01 2.57 4.76
CA PHE A 104 9.12 1.13 4.56
C PHE A 104 10.02 0.80 3.38
N ALA A 105 9.75 1.38 2.21
CA ALA A 105 10.57 1.17 1.04
C ALA A 105 12.06 1.30 1.38
N LYS A 106 12.49 2.48 1.82
CA LYS A 106 13.91 2.75 2.08
C LYS A 106 14.60 1.65 2.90
N MET A 107 13.87 0.85 3.64
CA MET A 107 14.44 -0.21 4.47
C MET A 107 14.43 -1.59 3.78
N ILE A 108 13.91 -1.71 2.57
CA ILE A 108 14.01 -2.97 1.82
C ILE A 108 15.37 -3.01 1.14
N PRO A 109 16.15 -4.08 1.30
CA PRO A 109 17.51 -4.09 0.75
C PRO A 109 17.52 -4.00 -0.77
N GLY A 110 18.32 -3.07 -1.30
CA GLY A 110 18.41 -2.84 -2.73
C GLY A 110 17.56 -1.71 -3.28
N PHE A 111 16.69 -1.11 -2.46
CA PHE A 111 15.84 -0.01 -2.91
C PHE A 111 16.58 1.32 -2.87
N LYS A 112 17.24 1.62 -1.74
CA LYS A 112 18.03 2.84 -1.65
C LYS A 112 19.13 2.86 -2.71
N GLU A 113 19.60 1.67 -3.12
CA GLU A 113 20.64 1.56 -4.12
C GLU A 113 20.13 1.87 -5.53
N LEU A 114 18.83 1.98 -5.70
CA LEU A 114 18.28 2.44 -6.97
C LEU A 114 18.55 3.93 -7.18
N CYS A 115 18.58 4.33 -8.44
CA CYS A 115 18.62 5.75 -8.75
C CYS A 115 17.33 6.43 -8.29
N THR A 116 17.41 7.75 -8.14
CA THR A 116 16.32 8.49 -7.53
C THR A 116 15.06 8.44 -8.39
N GLU A 117 15.22 8.45 -9.71
CA GLU A 117 14.06 8.49 -10.59
C GLU A 117 13.33 7.16 -10.58
N ASP A 118 14.07 6.06 -10.47
CA ASP A 118 13.46 4.73 -10.37
C ASP A 118 12.65 4.60 -9.10
N GLN A 119 13.23 4.96 -7.94
CA GLN A 119 12.46 4.95 -6.70
C GLN A 119 11.17 5.74 -6.85
N ILE A 120 11.26 6.95 -7.41
CA ILE A 120 10.06 7.78 -7.53
C ILE A 120 9.04 7.11 -8.45
N SER A 121 9.49 6.52 -9.55
CA SER A 121 8.51 5.89 -10.44
C SER A 121 7.91 4.64 -9.81
N LEU A 122 8.70 3.92 -8.99
CA LEU A 122 8.16 2.77 -8.26
C LEU A 122 7.15 3.19 -7.20
N LEU A 123 7.46 4.25 -6.45
CA LEU A 123 6.51 4.72 -5.43
C LEU A 123 5.21 5.19 -6.06
N LYS A 124 5.30 5.94 -7.17
CA LYS A 124 4.12 6.50 -7.80
C LYS A 124 3.25 5.43 -8.45
N ALA A 125 3.85 4.30 -8.85
CA ALA A 125 3.11 3.21 -9.48
C ALA A 125 2.31 2.40 -8.47
N SER A 126 2.85 2.24 -7.27
CA SER A 126 2.32 1.27 -6.32
C SER A 126 1.87 1.90 -5.01
N ALA A 127 1.88 3.22 -4.88
CA ALA A 127 1.67 3.83 -3.56
C ALA A 127 0.29 3.47 -3.01
N ILE A 128 -0.77 3.63 -3.81
CA ILE A 128 -2.12 3.30 -3.33
C ILE A 128 -2.26 1.80 -3.12
N GLU A 129 -1.66 0.98 -3.98
CA GLU A 129 -1.74 -0.48 -3.81
C GLU A 129 -1.14 -0.93 -2.47
N ILE A 130 -0.14 -0.21 -1.98
CA ILE A 130 0.54 -0.61 -0.74
C ILE A 130 -0.22 -0.07 0.46
N ILE A 131 -0.86 1.09 0.31
CA ILE A 131 -1.78 1.60 1.33
C ILE A 131 -2.96 0.64 1.50
N ILE A 132 -3.49 0.11 0.40
CA ILE A 132 -4.63 -0.77 0.48
C ILE A 132 -4.25 -2.08 1.19
N LEU A 133 -3.10 -2.67 0.81
CA LEU A 133 -2.58 -3.84 1.52
C LEU A 133 -2.44 -3.57 3.03
N ARG A 134 -1.66 -2.56 3.39
CA ARG A 134 -1.31 -2.37 4.80
C ARG A 134 -2.52 -1.98 5.63
N SER A 135 -3.56 -1.45 5.00
CA SER A 135 -4.78 -1.07 5.70
C SER A 135 -5.54 -2.28 6.23
N ASN A 136 -5.27 -3.48 5.71
CA ASN A 136 -5.93 -4.66 6.25
C ASN A 136 -5.72 -4.79 7.77
N GLU A 137 -4.56 -4.34 8.27
CA GLU A 137 -4.32 -4.32 9.72
C GLU A 137 -5.46 -3.67 10.49
N SER A 138 -5.98 -2.55 10.01
CA SER A 138 -7.04 -1.86 10.72
C SER A 138 -8.44 -2.32 10.30
N PHE A 139 -8.55 -3.12 9.25
CA PHE A 139 -9.85 -3.54 8.74
C PHE A 139 -10.41 -4.65 9.63
N THR A 140 -11.72 -4.65 9.77
CA THR A 140 -12.40 -5.65 10.58
C THR A 140 -13.69 -6.05 9.89
N MET A 141 -13.90 -7.36 9.73
CA MET A 141 -15.13 -7.86 9.10
C MET A 141 -16.33 -7.79 10.03
N GLU A 142 -16.11 -7.46 11.30
CA GLU A 142 -17.22 -7.34 12.23
C GLU A 142 -18.22 -6.29 11.78
N ASP A 143 -17.73 -5.24 11.10
CA ASP A 143 -18.63 -4.27 10.45
C ASP A 143 -18.03 -3.67 9.19
N ASN A 144 -17.09 -4.34 8.54
CA ASN A 144 -16.53 -3.89 7.27
C ASN A 144 -16.09 -2.43 7.36
N SER A 145 -15.28 -2.15 8.36
CA SER A 145 -14.75 -0.82 8.56
C SER A 145 -13.25 -0.92 8.72
N TRP A 146 -12.59 0.20 8.47
CA TRP A 146 -11.24 0.41 8.94
C TRP A 146 -11.37 1.18 10.24
N THR A 147 -10.93 0.58 11.35
CA THR A 147 -11.07 1.22 12.64
C THR A 147 -9.69 1.47 13.24
N CYS A 148 -9.43 2.72 13.59
CA CYS A 148 -8.08 3.18 13.91
C CYS A 148 -8.09 3.84 15.29
N GLY A 149 -8.20 3.00 16.34
CA GLY A 149 -8.03 3.42 17.71
C GLY A 149 -9.31 3.75 18.46
N SER A 150 -10.37 4.13 17.75
CA SER A 150 -11.58 4.65 18.36
C SER A 150 -12.63 4.76 17.27
N ASN A 151 -13.89 4.97 17.70
CA ASN A 151 -14.96 5.05 16.71
C ASN A 151 -14.95 6.35 15.91
N GLU A 152 -14.27 7.39 16.40
CA GLU A 152 -14.23 8.61 15.58
C GLU A 152 -13.35 8.40 14.36
N PHE A 153 -12.32 7.59 14.47
CA PHE A 153 -11.52 7.21 13.29
C PHE A 153 -11.90 5.80 12.86
N LYS A 154 -13.15 5.66 12.46
CA LYS A 154 -13.70 4.42 11.92
C LYS A 154 -14.28 4.72 10.54
N TYR A 155 -13.74 4.10 9.50
CA TYR A 155 -14.12 4.40 8.13
C TYR A 155 -14.87 3.22 7.51
N GLN A 156 -16.04 3.49 6.97
CA GLN A 156 -16.80 2.49 6.23
C GLN A 156 -17.13 3.05 4.83
N ILE A 157 -17.71 2.20 3.99
CA ILE A 157 -17.84 2.46 2.56
C ILE A 157 -18.52 3.81 2.29
N GLY A 158 -19.34 4.27 3.23
CA GLY A 158 -20.07 5.50 3.05
C GLY A 158 -19.22 6.73 3.31
N ASP A 159 -18.41 6.67 4.36
CA ASP A 159 -17.49 7.78 4.65
C ASP A 159 -16.56 8.04 3.46
N VAL A 160 -16.19 7.00 2.70
CA VAL A 160 -15.29 7.17 1.57
C VAL A 160 -16.03 7.57 0.30
N MET A 161 -17.34 7.71 0.33
CA MET A 161 -17.99 8.35 -0.79
C MET A 161 -18.20 9.82 -0.55
N GLN A 162 -18.19 10.22 0.73
CA GLN A 162 -18.14 11.63 1.11
C GLN A 162 -16.76 12.23 0.86
N ALA A 163 -15.80 11.44 0.37
CA ALA A 163 -14.53 11.92 -0.15
C ALA A 163 -14.47 11.86 -1.67
N GLY A 164 -15.60 11.59 -2.33
CA GLY A 164 -15.71 11.75 -3.76
C GLY A 164 -15.63 10.47 -4.57
N HIS A 165 -15.31 9.34 -3.95
CA HIS A 165 -15.18 8.11 -4.72
C HIS A 165 -16.54 7.45 -4.94
N LYS A 166 -16.54 6.42 -5.77
CA LYS A 166 -17.76 5.83 -6.29
C LYS A 166 -17.71 4.32 -6.13
N LEU A 167 -18.84 3.67 -6.47
CA LEU A 167 -19.02 2.24 -6.22
C LEU A 167 -18.11 1.38 -7.07
N GLU A 168 -17.71 1.88 -8.25
CA GLU A 168 -16.83 1.12 -9.14
C GLU A 168 -15.49 0.82 -8.51
N LEU A 169 -15.10 1.60 -7.51
CA LEU A 169 -13.91 1.32 -6.72
C LEU A 169 -14.24 0.79 -5.33
N LEU A 170 -15.20 1.38 -4.63
CA LEU A 170 -15.39 1.05 -3.22
C LEU A 170 -15.79 -0.41 -3.05
N GLU A 171 -16.83 -0.82 -3.76
CA GLU A 171 -17.31 -2.20 -3.65
C GLU A 171 -16.19 -3.21 -3.86
N PRO A 172 -15.40 -3.17 -4.93
CA PRO A 172 -14.25 -4.09 -5.02
C PRO A 172 -13.22 -3.85 -3.93
N LEU A 173 -13.09 -2.60 -3.47
CA LEU A 173 -12.19 -2.29 -2.36
C LEU A 173 -12.55 -3.11 -1.12
N VAL A 174 -13.82 -3.09 -0.72
CA VAL A 174 -14.19 -3.79 0.52
C VAL A 174 -14.16 -5.30 0.31
N LYS A 175 -14.56 -5.78 -0.88
CA LYS A 175 -14.40 -7.19 -1.21
C LYS A 175 -12.93 -7.61 -1.12
N PHE A 176 -12.02 -6.77 -1.63
CA PHE A 176 -10.60 -7.03 -1.43
C PHE A 176 -10.28 -7.19 0.05
N GLN A 177 -10.72 -6.23 0.87
CA GLN A 177 -10.36 -6.23 2.29
C GLN A 177 -10.85 -7.51 2.96
N VAL A 178 -12.13 -7.86 2.74
CA VAL A 178 -12.70 -9.05 3.36
C VAL A 178 -11.89 -10.28 2.94
N ASN A 179 -11.58 -10.39 1.65
CA ASN A 179 -10.98 -11.61 1.13
C ASN A 179 -9.52 -11.75 1.57
N MET A 180 -8.79 -10.63 1.72
CA MET A 180 -7.45 -10.72 2.26
C MET A 180 -7.47 -11.21 3.71
N LYS A 181 -8.45 -10.75 4.49
CA LYS A 181 -8.66 -11.29 5.84
C LYS A 181 -8.81 -12.80 5.82
N LYS A 182 -9.64 -13.30 4.91
CA LYS A 182 -9.87 -14.74 4.87
C LYS A 182 -8.62 -15.50 4.45
N LEU A 183 -7.72 -14.87 3.69
CA LEU A 183 -6.41 -15.46 3.42
C LEU A 183 -5.68 -15.79 4.71
N ASP A 184 -5.83 -14.95 5.73
CA ASP A 184 -5.15 -15.14 7.02
C ASP A 184 -3.64 -15.34 6.81
N LEU A 185 -2.99 -14.28 6.35
CA LEU A 185 -1.56 -14.33 6.07
C LEU A 185 -0.76 -14.19 7.36
N HIS A 186 0.38 -14.89 7.41
CA HIS A 186 1.35 -14.66 8.48
C HIS A 186 2.03 -13.30 8.28
N GLU A 187 2.64 -12.79 9.35
CA GLU A 187 3.25 -11.46 9.26
C GLU A 187 4.27 -11.42 8.14
N ALA A 188 5.01 -12.51 7.92
CA ALA A 188 6.06 -12.49 6.89
C ALA A 188 5.47 -12.45 5.50
N GLU A 189 4.39 -13.21 5.25
CA GLU A 189 3.72 -13.14 3.96
C GLU A 189 3.18 -11.75 3.70
N HIS A 190 2.58 -11.14 4.72
CA HIS A 190 2.10 -9.77 4.57
C HIS A 190 3.20 -8.87 4.03
N VAL A 191 4.41 -8.92 4.62
CA VAL A 191 5.43 -7.90 4.32
C VAL A 191 6.19 -8.19 3.03
N LEU A 192 6.40 -9.48 2.68
CA LEU A 192 6.88 -9.84 1.35
C LEU A 192 5.92 -9.35 0.26
N LEU A 193 4.62 -9.42 0.50
CA LEU A 193 3.67 -8.92 -0.51
C LEU A 193 3.84 -7.42 -0.74
N MET A 194 3.90 -6.63 0.34
CA MET A 194 4.09 -5.18 0.18
C MET A 194 5.39 -4.88 -0.54
N ALA A 195 6.46 -5.65 -0.27
CA ALA A 195 7.74 -5.41 -0.94
C ALA A 195 7.69 -5.83 -2.41
N ILE A 196 7.11 -6.99 -2.71
CA ILE A 196 7.01 -7.49 -4.09
C ILE A 196 6.14 -6.56 -4.95
N CYS A 197 5.08 -6.02 -4.37
CA CYS A 197 4.24 -5.04 -5.06
C CYS A 197 5.00 -3.76 -5.37
N LEU A 198 5.95 -3.38 -4.50
CA LEU A 198 6.80 -2.25 -4.81
C LEU A 198 7.80 -2.59 -5.92
N PHE A 199 8.44 -3.74 -5.85
CA PHE A 199 9.51 -4.06 -6.82
C PHE A 199 8.97 -4.70 -8.10
N SER A 200 7.98 -4.05 -8.74
CA SER A 200 7.45 -4.49 -10.01
C SER A 200 8.23 -3.86 -11.14
N PRO A 201 9.07 -4.62 -11.85
CA PRO A 201 9.88 -4.03 -12.95
C PRO A 201 9.07 -3.49 -14.14
N ASP A 202 7.76 -3.75 -14.22
CA ASP A 202 6.95 -3.37 -15.37
C ASP A 202 6.31 -2.00 -15.24
N ARG A 203 6.59 -1.24 -14.18
CA ARG A 203 5.92 0.03 -13.99
C ARG A 203 6.44 1.07 -14.97
N PRO A 204 5.60 2.02 -15.37
CA PRO A 204 6.07 3.11 -16.23
C PRO A 204 7.23 3.85 -15.58
N GLY A 205 8.17 4.30 -16.42
CA GLY A 205 9.29 5.10 -15.97
C GLY A 205 10.47 4.34 -15.42
N VAL A 206 10.35 3.04 -15.16
CA VAL A 206 11.45 2.29 -14.57
C VAL A 206 12.57 2.20 -15.60
N GLN A 207 13.75 2.67 -15.22
CA GLN A 207 14.89 2.66 -16.13
C GLN A 207 15.74 1.39 -15.97
N ASP A 208 16.18 1.05 -14.76
CA ASP A 208 16.97 -0.16 -14.57
C ASP A 208 16.04 -1.32 -14.24
N ARG A 209 15.43 -1.88 -15.29
CA ARG A 209 14.45 -2.93 -15.03
C ARG A 209 15.12 -4.24 -14.63
N CYS A 210 16.35 -4.46 -15.10
CA CYS A 210 17.08 -5.67 -14.71
C CYS A 210 17.32 -5.71 -13.21
N ARG A 211 17.80 -4.61 -12.65
CA ARG A 211 18.01 -4.59 -11.21
C ARG A 211 16.70 -4.83 -10.47
N VAL A 212 15.62 -4.19 -10.91
CA VAL A 212 14.34 -4.33 -10.22
C VAL A 212 13.87 -5.79 -10.25
N GLU A 213 13.97 -6.44 -11.42
CA GLU A 213 13.51 -7.83 -11.50
C GLU A 213 14.33 -8.75 -10.59
N GLU A 214 15.64 -8.49 -10.46
CA GLU A 214 16.47 -9.29 -9.56
C GLU A 214 15.97 -9.22 -8.13
N VAL A 215 15.63 -8.02 -7.66
CA VAL A 215 15.17 -7.87 -6.29
C VAL A 215 13.84 -8.59 -6.13
N GLN A 216 12.97 -8.50 -7.13
CA GLN A 216 11.70 -9.22 -7.06
C GLN A 216 11.93 -10.72 -7.06
N GLU A 217 12.75 -11.20 -8.00
CA GLU A 217 13.19 -12.59 -7.98
C GLU A 217 13.47 -13.04 -6.56
N HIS A 218 14.42 -12.36 -5.90
CA HIS A 218 14.76 -12.64 -4.51
C HIS A 218 13.52 -12.62 -3.62
N LEU A 219 12.73 -11.56 -3.72
CA LEU A 219 11.53 -11.45 -2.88
C LEU A 219 10.63 -12.66 -3.05
N THR A 220 10.40 -13.07 -4.31
CA THR A 220 9.43 -14.12 -4.60
C THR A 220 9.98 -15.51 -4.30
N GLU A 221 11.27 -15.75 -4.58
CA GLU A 221 11.87 -17.00 -4.13
C GLU A 221 11.70 -17.18 -2.62
N THR A 222 11.83 -16.09 -1.86
CA THR A 222 11.72 -16.19 -0.41
C THR A 222 10.28 -16.48 0.00
N LEU A 223 9.32 -15.88 -0.70
CA LEU A 223 7.92 -16.16 -0.41
C LEU A 223 7.61 -17.63 -0.64
N ARG A 224 7.96 -18.15 -1.83
CA ARG A 224 7.72 -19.56 -2.12
C ARG A 224 8.31 -20.46 -1.04
N ALA A 225 9.58 -20.26 -0.69
CA ALA A 225 10.22 -21.08 0.33
C ALA A 225 9.43 -21.09 1.64
N TYR A 226 8.92 -19.92 2.05
CA TYR A 226 8.16 -19.82 3.29
C TYR A 226 6.86 -20.64 3.22
N ILE A 227 6.11 -20.46 2.12
CA ILE A 227 4.91 -21.25 1.85
C ILE A 227 5.20 -22.75 1.89
N ALA A 228 6.29 -23.15 1.23
CA ALA A 228 6.58 -24.57 1.18
C ALA A 228 6.89 -25.14 2.56
N CYS A 229 7.53 -24.35 3.43
CA CYS A 229 7.84 -24.78 4.79
C CYS A 229 6.63 -24.68 5.72
N ARG A 230 6.02 -23.50 5.76
CA ARG A 230 5.01 -23.19 6.75
C ARG A 230 3.65 -23.85 6.48
N HIS A 231 3.35 -24.20 5.22
CA HIS A 231 2.06 -24.77 4.84
C HIS A 231 2.25 -26.09 4.12
N PRO A 232 2.81 -27.10 4.80
CA PRO A 232 3.09 -28.38 4.13
C PRO A 232 1.84 -29.18 3.74
N LEU A 233 0.67 -28.82 4.24
CA LEU A 233 -0.54 -29.59 3.96
C LEU A 233 -1.31 -29.08 2.75
N SER A 234 -1.00 -27.88 2.28
CA SER A 234 -1.67 -27.30 1.13
C SER A 234 -0.79 -27.48 -0.12
N CYS A 235 -1.42 -27.40 -1.29
CA CYS A 235 -0.63 -27.28 -2.50
C CYS A 235 0.15 -25.99 -2.47
N LYS A 236 1.49 -26.08 -2.56
CA LYS A 236 2.29 -24.85 -2.55
C LYS A 236 1.94 -23.97 -3.75
N HIS A 237 1.73 -24.58 -4.93
CA HIS A 237 1.33 -23.81 -6.10
C HIS A 237 -0.01 -23.14 -5.86
N MET A 238 -0.92 -23.83 -5.17
CA MET A 238 -2.23 -23.23 -4.93
C MET A 238 -2.12 -22.00 -4.03
N LEU A 239 -1.36 -22.10 -2.93
CA LEU A 239 -1.22 -20.96 -2.02
C LEU A 239 -0.54 -19.76 -2.69
N TYR A 240 0.57 -20.00 -3.39
CA TYR A 240 1.27 -18.88 -4.02
C TYR A 240 0.39 -18.18 -5.05
N THR A 241 -0.44 -18.96 -5.78
CA THR A 241 -1.30 -18.34 -6.78
C THR A 241 -2.37 -17.44 -6.13
N LYS A 242 -2.90 -17.82 -4.96
CA LYS A 242 -3.96 -17.03 -4.37
C LYS A 242 -3.45 -15.67 -3.90
N MET A 243 -2.15 -15.55 -3.66
CA MET A 243 -1.52 -14.32 -3.21
C MET A 243 -1.17 -13.40 -4.39
N VAL A 244 -0.54 -13.93 -5.45
CA VAL A 244 -0.25 -13.09 -6.60
C VAL A 244 -1.56 -12.63 -7.26
N GLU A 245 -2.61 -13.46 -7.22
CA GLU A 245 -3.93 -13.02 -7.67
C GLU A 245 -4.34 -11.70 -7.00
N LYS A 246 -4.12 -11.56 -5.69
CA LYS A 246 -4.40 -10.31 -4.99
C LYS A 246 -3.58 -9.16 -5.58
N LEU A 247 -2.34 -9.43 -5.96
CA LEU A 247 -1.54 -8.38 -6.60
C LEU A 247 -2.19 -7.94 -7.91
N THR A 248 -2.78 -8.86 -8.66
CA THR A 248 -3.43 -8.47 -9.89
C THR A 248 -4.67 -7.62 -9.62
N GLU A 249 -5.41 -7.94 -8.56
CA GLU A 249 -6.59 -7.14 -8.26
C GLU A 249 -6.21 -5.78 -7.69
N LEU A 250 -5.04 -5.67 -7.04
CA LEU A 250 -4.53 -4.36 -6.63
C LEU A 250 -4.26 -3.45 -7.84
N ARG A 251 -3.83 -3.99 -8.97
CA ARG A 251 -3.62 -3.12 -10.13
C ARG A 251 -4.94 -2.58 -10.68
N SER A 252 -6.02 -3.37 -10.63
CA SER A 252 -7.31 -2.88 -11.09
C SER A 252 -7.90 -1.87 -10.12
N LEU A 253 -7.72 -2.10 -8.81
CA LEU A 253 -8.13 -1.10 -7.84
C LEU A 253 -7.38 0.20 -8.10
N ASN A 254 -6.11 0.10 -8.50
CA ASN A 254 -5.27 1.28 -8.69
C ASN A 254 -5.67 2.05 -9.94
N GLU A 255 -5.89 1.35 -11.06
CA GLU A 255 -6.39 2.01 -12.27
C GLU A 255 -7.71 2.72 -11.98
N GLU A 256 -8.63 2.04 -11.29
CA GLU A 256 -9.91 2.69 -11.03
C GLU A 256 -9.75 3.88 -10.09
N HIS A 257 -8.87 3.77 -9.09
CA HIS A 257 -8.64 4.91 -8.22
C HIS A 257 -8.05 6.06 -9.01
N SER A 258 -7.03 5.77 -9.83
CA SER A 258 -6.45 6.78 -10.70
C SER A 258 -7.55 7.55 -11.44
N LYS A 259 -8.44 6.81 -12.09
CA LYS A 259 -9.55 7.41 -12.84
C LYS A 259 -10.35 8.40 -12.00
N GLN A 260 -10.90 7.93 -10.86
CA GLN A 260 -11.72 8.80 -10.04
C GLN A 260 -10.91 9.97 -9.45
N TYR A 261 -9.65 9.73 -9.09
CA TYR A 261 -8.84 10.82 -8.55
C TYR A 261 -8.73 11.99 -9.52
N LEU A 262 -8.44 11.71 -10.79
CA LEU A 262 -8.46 12.73 -11.83
C LEU A 262 -9.62 13.71 -11.68
N GLN A 263 -10.84 13.18 -11.54
CA GLN A 263 -12.00 14.06 -11.43
C GLN A 263 -12.14 14.67 -10.02
N ILE A 264 -11.82 13.90 -8.97
CA ILE A 264 -11.82 14.49 -7.63
C ILE A 264 -10.88 15.70 -7.58
N SER A 265 -9.63 15.52 -8.05
CA SER A 265 -8.65 16.61 -7.97
C SER A 265 -9.10 17.80 -8.81
N GLN A 266 -9.49 17.56 -10.07
CA GLN A 266 -10.09 18.64 -10.86
C GLN A 266 -11.22 19.31 -10.11
N ASP A 267 -12.07 18.52 -9.45
CA ASP A 267 -13.19 19.13 -8.71
C ASP A 267 -12.69 20.01 -7.58
N ALA A 268 -11.73 19.52 -6.80
CA ALA A 268 -11.18 20.24 -5.64
C ALA A 268 -9.95 21.05 -6.00
N VAL A 269 -9.93 21.70 -7.16
CA VAL A 269 -8.73 22.38 -7.62
C VAL A 269 -8.53 23.70 -6.88
N ASN A 270 -9.61 24.49 -6.72
CA ASN A 270 -9.51 25.80 -6.07
C ASN A 270 -9.66 25.74 -4.56
N LYS A 271 -10.23 24.67 -4.03
CA LYS A 271 -10.32 24.45 -2.60
C LYS A 271 -8.99 23.89 -2.08
N GLU A 272 -8.82 23.93 -0.76
CA GLU A 272 -7.56 23.55 -0.13
C GLU A 272 -7.48 22.05 0.19
N ASP A 273 -8.24 21.22 -0.51
CA ASP A 273 -8.48 19.85 -0.05
C ASP A 273 -7.32 18.90 -0.33
N LEU A 274 -6.55 19.09 -1.38
CA LEU A 274 -5.59 18.01 -1.49
C LEU A 274 -4.18 18.49 -1.10
N PRO A 275 -3.44 17.70 -0.33
CA PRO A 275 -2.14 18.17 0.17
C PRO A 275 -1.06 17.92 -0.87
N PRO A 276 0.10 18.59 -0.75
CA PRO A 276 1.09 18.55 -1.86
C PRO A 276 1.54 17.15 -2.22
N LEU A 277 1.67 16.27 -1.24
CA LEU A 277 2.24 14.96 -1.50
C LEU A 277 1.36 14.14 -2.41
N LEU A 278 0.04 14.13 -2.14
CA LEU A 278 -0.91 13.45 -3.03
C LEU A 278 -0.81 14.00 -4.45
N LEU A 279 -0.64 15.32 -4.59
CA LEU A 279 -0.52 15.90 -5.92
C LEU A 279 0.72 15.37 -6.63
N GLU A 280 1.84 15.24 -5.92
CA GLU A 280 3.03 14.70 -6.56
C GLU A 280 2.84 13.25 -6.93
N VAL A 281 2.14 12.48 -6.09
CA VAL A 281 2.00 11.04 -6.30
C VAL A 281 0.91 10.74 -7.32
N PHE A 282 -0.31 11.21 -7.07
CA PHE A 282 -1.43 10.78 -7.90
C PHE A 282 -1.67 11.64 -9.13
N GLY A 283 -1.21 12.88 -9.13
CA GLY A 283 -1.46 13.79 -10.24
C GLY A 283 -1.90 15.16 -9.75
N ASN A 284 -1.89 16.10 -10.68
CA ASN A 284 -2.16 17.52 -10.44
C ASN A 284 -2.80 18.13 -11.69
N PRO A 285 -4.05 18.61 -11.63
CA PRO A 285 -4.66 19.11 -12.86
C PRO A 285 -4.38 20.59 -13.15
N ARG B 1 9.40 20.15 -10.05
CA ARG B 1 9.57 18.71 -10.07
C ARG B 1 8.70 18.08 -9.00
N HIS B 2 9.27 17.10 -8.29
CA HIS B 2 8.57 16.48 -7.16
C HIS B 2 9.23 16.85 -5.85
N LYS B 3 9.21 18.14 -5.51
CA LYS B 3 10.03 18.61 -4.41
C LYS B 3 9.91 17.71 -3.16
N ILE B 4 8.71 17.56 -2.59
CA ILE B 4 8.60 16.87 -1.31
C ILE B 4 9.07 15.42 -1.45
N LEU B 5 8.51 14.67 -2.40
CA LEU B 5 8.95 13.30 -2.65
C LEU B 5 10.47 13.19 -2.68
N HIS B 6 11.13 14.11 -3.39
CA HIS B 6 12.59 14.14 -3.43
C HIS B 6 13.19 14.25 -2.03
N ARG B 7 12.58 15.04 -1.16
CA ARG B 7 13.19 15.22 0.15
C ARG B 7 12.91 14.05 1.08
N LEU B 8 11.79 13.36 0.90
CA LEU B 8 11.53 12.13 1.64
C LEU B 8 12.61 11.10 1.37
N LEU B 9 12.97 10.90 0.10
CA LEU B 9 14.00 9.93 -0.25
C LEU B 9 15.36 10.30 0.35
N GLN B 10 15.45 11.38 1.13
CA GLN B 10 16.56 11.53 2.07
C GLN B 10 16.01 11.85 3.46
O2 VDX C . -4.52 1.20 8.64
O3 VDX C . -8.24 9.67 -3.50
C1 VDX C . -3.30 2.64 6.54
C2 VDX C . -3.25 3.12 7.98
C3 VDX C . -4.45 2.63 8.74
C4 VDX C . -5.72 3.27 8.16
C5 VDX C . -5.77 3.19 6.66
C6 VDX C . -6.96 3.13 6.00
C7 VDX C . -7.15 3.05 4.60
C8 VDX C . -8.37 3.10 4.03
C9 VDX C . -9.68 3.28 4.75
C10 VDX C . -4.48 3.36 5.94
C11 VDX C . -10.23 4.65 4.38
C12 VDX C . -10.32 4.80 2.87
C13 VDX C . -8.99 4.48 2.17
C14 VDX C . -8.52 3.04 2.53
C15 VDX C . -7.38 2.77 1.52
C16 VDX C . -7.57 3.81 0.37
C17 VDX C . -8.99 4.32 0.64
C18 VDX C . -7.90 5.50 2.60
C19 VDX C . -4.33 4.10 4.84
C20 VDX C . -9.40 5.50 -0.24
C21 VDX C . -10.42 5.11 -1.31
C22 VDX C . -8.21 6.23 -0.87
C23 VDX C . -8.60 7.65 -1.27
C24 VDX C . -7.43 8.57 -1.54
C25 VDX C . -7.89 9.90 -2.12
C26 VDX C . -9.12 10.44 -1.37
C27 VDX C . -6.77 10.91 -2.12
O1 VDX C . -2.15 3.02 5.82
MG MG D . -0.56 -26.34 6.12
MG MG E . 0.83 3.81 10.08
#